data_1UUU
#
_entry.id   1UUU
#
_cell.length_a   1.000
_cell.length_b   1.000
_cell.length_c   1.000
_cell.angle_alpha   90.00
_cell.angle_beta   90.00
_cell.angle_gamma   90.00
#
_symmetry.space_group_name_H-M   'P 1'
#
_entity_poly.entity_id   1
_entity_poly.type   'polyribonucleotide'
_entity_poly.pdbx_seq_one_letter_code
;GGCGUACGUUUCGUACGCC
;
_entity_poly.pdbx_strand_id   A
#